data_6SFI
#
_entry.id   6SFI
#
_cell.length_a   69.449
_cell.length_b   71.289
_cell.length_c   76.200
_cell.angle_alpha   90.000
_cell.angle_beta   90.000
_cell.angle_gamma   90.000
#
_symmetry.space_group_name_H-M   'P 21 21 21'
#
loop_
_entity.id
_entity.type
_entity.pdbx_description
1 polymer 'Mitogen-activated protein kinase 14'
2 non-polymer ~{N}-[(2~{S})-1-azanyl-4-cyclohexyl-1-oxidanylidene-butan-2-yl]-2-[[[1-(2-methylphenyl)pyrazol-4-yl]carbonylamino]methyl]-1,3-thiazole-5-carboxamide
3 water water
#
_entity_poly.entity_id   1
_entity_poly.type   'polypeptide(L)'
_entity_poly.pdbx_seq_one_letter_code
;GMSQERPTFYRQELNKTIWEVPERYQNLSPVGSGAYGSVCAAFDTKTGHRVAVKKLSRPFQSIIHAKRTYRELRLLKHMK
HENVIGLLDVFTPARSLEEFNDVYLVTHLMGADLNNIVKCQKLTDDHVQFLIYQILRGLKYIHSADIIHRDLKPSNLAVN
EDCELKILDFGLARHTDDEMTGYVATRWYRAPEIMLNWMHYNQTVDIWSVGCIMAELLTGRTLFPGTDHIDQLKLILRLV
GTPGAELLKKISSESARNYIQSLAQMPKMNFANVFIGANPLAVDLLEKMLVLDSDKRITAAQALAHAYFAQYHDPDDEPV
ADPYDQSFESRDLLIDEWKSLTYDEVISFVPPPLDQEEMES
;
_entity_poly.pdbx_strand_id   A
#
loop_
_chem_comp.id
_chem_comp.type
_chem_comp.name
_chem_comp.formula
LB5 non-polymer ~{N}-[(2~{S})-1-azanyl-4-cyclohexyl-1-oxidanylidene-butan-2-yl]-2-[[[1-(2-methylphenyl)pyrazol-4-yl]carbonylamino]methyl]-1,3-thiazole-5-carboxamide 'C26 H32 N6 O3 S'
#
# COMPACT_ATOMS: atom_id res chain seq x y z
N GLU A 5 19.09 22.64 -19.64
CA GLU A 5 17.94 22.34 -20.52
C GLU A 5 16.64 22.57 -19.73
N ARG A 6 16.58 23.60 -18.86
CA ARG A 6 15.48 23.83 -17.85
C ARG A 6 14.20 24.24 -18.58
N PRO A 7 13.07 23.53 -18.37
CA PRO A 7 11.83 23.85 -19.07
C PRO A 7 11.32 25.26 -18.71
N THR A 8 10.45 25.81 -19.53
CA THR A 8 9.65 27.02 -19.23
C THR A 8 8.41 26.62 -18.40
N PHE A 9 8.17 27.28 -17.26
CA PHE A 9 7.02 27.03 -16.35
C PHE A 9 5.86 28.01 -16.63
N TYR A 10 4.66 27.64 -16.22
CA TYR A 10 3.46 28.53 -16.19
C TYR A 10 2.74 28.35 -14.85
N ARG A 11 2.09 29.42 -14.36
CA ARG A 11 1.35 29.47 -13.09
C ARG A 11 -0.14 29.41 -13.36
N GLN A 12 -0.91 28.82 -12.44
CA GLN A 12 -2.38 28.96 -12.37
C GLN A 12 -2.84 28.63 -10.95
N GLU A 13 -4.03 29.11 -10.58
CA GLU A 13 -4.68 28.85 -9.28
C GLU A 13 -5.49 27.56 -9.40
N LEU A 14 -5.13 26.57 -8.59
CA LEU A 14 -5.78 25.25 -8.46
C LEU A 14 -5.79 24.89 -6.97
N ASN A 15 -6.89 24.34 -6.46
CA ASN A 15 -7.04 23.87 -5.06
C ASN A 15 -6.70 25.05 -4.14
N LYS A 16 -7.13 26.25 -4.53
CA LYS A 16 -6.84 27.54 -3.83
C LYS A 16 -5.35 27.69 -3.49
N THR A 17 -4.44 27.17 -4.32
CA THR A 17 -2.99 27.56 -4.29
C THR A 17 -2.46 27.74 -5.70
N ILE A 18 -1.39 28.53 -5.85
CA ILE A 18 -0.68 28.75 -7.13
C ILE A 18 0.16 27.50 -7.43
N TRP A 19 -0.21 26.76 -8.47
CA TRP A 19 0.60 25.68 -9.11
C TRP A 19 1.49 26.26 -10.19
N GLU A 20 2.76 25.91 -10.18
CA GLU A 20 3.74 26.35 -11.17
C GLU A 20 4.41 25.11 -11.78
N VAL A 21 4.11 24.79 -13.03
CA VAL A 21 4.55 23.49 -13.63
C VAL A 21 5.09 23.72 -15.03
N PRO A 22 5.94 22.81 -15.54
CA PRO A 22 6.40 22.87 -16.93
C PRO A 22 5.29 22.89 -17.96
N GLU A 23 5.51 23.59 -19.08
CA GLU A 23 4.52 23.67 -20.19
C GLU A 23 4.26 22.27 -20.75
N ARG A 24 5.14 21.33 -20.50
CA ARG A 24 4.93 19.91 -20.86
C ARG A 24 3.53 19.43 -20.42
N TYR A 25 3.06 19.86 -19.25
CA TYR A 25 1.83 19.32 -18.62
C TYR A 25 0.69 20.30 -18.89
N GLN A 26 -0.35 19.81 -19.61
CA GLN A 26 -1.49 20.63 -20.11
C GLN A 26 -2.80 20.19 -19.44
N ASN A 27 -3.80 21.07 -19.41
CA ASN A 27 -5.20 20.71 -19.05
C ASN A 27 -5.27 20.14 -17.62
N LEU A 28 -4.61 20.77 -16.63
CA LEU A 28 -4.65 20.35 -15.21
C LEU A 28 -6.06 20.49 -14.66
N SER A 29 -6.55 19.47 -13.97
CA SER A 29 -7.84 19.53 -13.25
CA SER A 29 -7.87 19.46 -13.30
C SER A 29 -7.78 18.69 -11.98
N PRO A 30 -8.23 19.25 -10.81
CA PRO A 30 -8.20 18.49 -9.54
C PRO A 30 -8.98 17.17 -9.59
N VAL A 31 -8.42 16.12 -8.98
CA VAL A 31 -9.09 14.79 -8.93
C VAL A 31 -9.06 14.26 -7.49
N GLY A 32 -10.04 13.44 -7.13
CA GLY A 32 -10.06 12.73 -5.84
C GLY A 32 -10.85 13.44 -4.72
N SER A 33 -11.24 14.69 -4.90
CA SER A 33 -11.91 15.47 -3.82
C SER A 33 -11.08 15.43 -2.52
N GLY A 34 -9.74 15.52 -2.59
CA GLY A 34 -8.87 15.59 -1.39
C GLY A 34 -8.34 14.24 -0.91
N ALA A 35 -8.91 13.13 -1.36
CA ALA A 35 -8.62 11.77 -0.90
C ALA A 35 -7.18 11.37 -1.28
N TYR A 36 -6.57 12.01 -2.29
CA TYR A 36 -5.18 11.65 -2.70
C TYR A 36 -4.18 12.68 -2.20
N GLY A 37 -4.62 13.74 -1.51
CA GLY A 37 -3.81 14.94 -1.29
C GLY A 37 -4.15 16.01 -2.33
N SER A 38 -3.25 16.94 -2.56
CA SER A 38 -3.43 17.99 -3.59
CA SER A 38 -3.35 18.01 -3.58
C SER A 38 -2.89 17.43 -4.91
N VAL A 39 -3.80 16.86 -5.68
CA VAL A 39 -3.47 16.09 -6.92
C VAL A 39 -4.32 16.60 -8.09
N CYS A 40 -3.71 16.81 -9.24
CA CYS A 40 -4.45 17.14 -10.50
C CYS A 40 -4.16 16.08 -11.56
N ALA A 41 -5.15 15.72 -12.33
CA ALA A 41 -4.97 15.00 -13.61
C ALA A 41 -4.42 15.99 -14.63
N ALA A 42 -3.58 15.54 -15.54
CA ALA A 42 -3.00 16.38 -16.62
C ALA A 42 -2.69 15.52 -17.86
N PHE A 43 -2.55 16.20 -19.01
CA PHE A 43 -2.16 15.59 -20.29
C PHE A 43 -0.67 15.84 -20.50
N ASP A 44 0.08 14.76 -20.62
CA ASP A 44 1.54 14.77 -20.84
C ASP A 44 1.79 14.93 -22.38
N THR A 45 2.16 16.14 -22.78
CA THR A 45 2.41 16.50 -24.21
C THR A 45 3.64 15.80 -24.75
N LYS A 46 4.48 15.15 -23.91
CA LYS A 46 5.66 14.38 -24.38
C LYS A 46 5.25 12.97 -24.81
N THR A 47 4.22 12.38 -24.19
CA THR A 47 3.88 10.96 -24.41
C THR A 47 2.49 10.83 -25.01
N GLY A 48 1.61 11.80 -24.84
CA GLY A 48 0.19 11.74 -25.26
C GLY A 48 -0.70 10.98 -24.29
N HIS A 49 -0.18 10.65 -23.10
CA HIS A 49 -0.95 9.92 -22.04
C HIS A 49 -1.33 10.89 -20.92
N ARG A 50 -2.31 10.51 -20.11
CA ARG A 50 -2.71 11.30 -18.92
C ARG A 50 -1.82 10.91 -17.74
N VAL A 51 -1.58 11.82 -16.85
CA VAL A 51 -0.73 11.62 -15.64
C VAL A 51 -1.44 12.27 -14.44
N ALA A 52 -0.97 11.92 -13.23
CA ALA A 52 -1.32 12.55 -11.97
C ALA A 52 -0.16 13.39 -11.47
N VAL A 53 -0.41 14.65 -11.08
CA VAL A 53 0.62 15.57 -10.53
C VAL A 53 0.25 15.89 -9.06
N LYS A 54 1.09 15.49 -8.10
CA LYS A 54 0.89 15.83 -6.67
C LYS A 54 1.80 16.98 -6.28
N LYS A 55 1.24 18.01 -5.64
CA LYS A 55 2.03 19.12 -5.03
C LYS A 55 2.19 18.88 -3.53
N LEU A 56 3.43 18.77 -3.01
CA LEU A 56 3.59 18.50 -1.56
C LEU A 56 3.22 19.74 -0.73
N SER A 57 2.73 19.50 0.49
CA SER A 57 2.21 20.54 1.40
C SER A 57 3.34 20.98 2.36
N ARG A 58 3.76 22.24 2.27
CA ARG A 58 4.70 22.84 3.27
C ARG A 58 5.92 21.92 3.47
N PRO A 59 6.63 21.53 2.39
CA PRO A 59 7.59 20.42 2.48
C PRO A 59 8.78 20.65 3.41
N PHE A 60 9.21 21.91 3.61
CA PHE A 60 10.42 22.19 4.45
C PHE A 60 10.04 23.16 5.59
N GLN A 61 8.81 23.05 6.09
CA GLN A 61 8.36 23.90 7.25
C GLN A 61 9.14 23.58 8.53
N SER A 62 9.47 22.32 8.73
CA SER A 62 9.98 21.75 10.01
C SER A 62 10.88 20.58 9.66
N ILE A 63 11.68 20.15 10.59
CA ILE A 63 12.45 18.87 10.45
C ILE A 63 11.50 17.71 10.09
N ILE A 64 10.38 17.52 10.79
CA ILE A 64 9.47 16.37 10.48
C ILE A 64 8.93 16.50 9.04
N HIS A 65 8.53 17.69 8.58
CA HIS A 65 8.02 17.85 7.17
C HIS A 65 9.16 17.51 6.20
N ALA A 66 10.34 18.02 6.47
CA ALA A 66 11.49 17.85 5.54
C ALA A 66 11.83 16.37 5.41
N LYS A 67 11.87 15.64 6.54
CA LYS A 67 12.24 14.20 6.50
C LYS A 67 11.11 13.42 5.81
N ARG A 68 9.84 13.81 5.98
CA ARG A 68 8.68 13.15 5.30
C ARG A 68 8.83 13.34 3.79
N THR A 69 9.19 14.54 3.38
CA THR A 69 9.39 14.89 1.94
C THR A 69 10.48 13.97 1.36
N TYR A 70 11.63 13.93 2.02
CA TYR A 70 12.78 13.11 1.59
C TYR A 70 12.36 11.62 1.47
N ARG A 71 11.71 11.11 2.51
CA ARG A 71 11.24 9.67 2.57
C ARG A 71 10.38 9.36 1.33
N GLU A 72 9.36 10.16 1.05
CA GLU A 72 8.43 9.87 -0.07
C GLU A 72 9.17 9.91 -1.42
N LEU A 73 10.05 10.87 -1.63
CA LEU A 73 10.85 10.93 -2.89
C LEU A 73 11.77 9.70 -2.96
N ARG A 74 12.45 9.31 -1.90
CA ARG A 74 13.37 8.15 -1.93
C ARG A 74 12.57 6.87 -2.27
N LEU A 75 11.42 6.68 -1.63
CA LEU A 75 10.56 5.47 -1.89
C LEU A 75 10.13 5.47 -3.37
N LEU A 76 9.58 6.59 -3.87
CA LEU A 76 9.06 6.63 -5.26
C LEU A 76 10.18 6.46 -6.26
N LYS A 77 11.37 7.02 -6.02
CA LYS A 77 12.52 6.85 -6.95
C LYS A 77 12.95 5.39 -6.99
N HIS A 78 12.76 4.62 -5.92
CA HIS A 78 13.19 3.19 -5.88
C HIS A 78 12.26 2.31 -6.71
N MET A 79 10.95 2.59 -6.73
CA MET A 79 9.94 1.58 -7.16
C MET A 79 9.94 1.44 -8.67
N LYS A 80 10.44 0.30 -9.20
CA LYS A 80 10.48 0.00 -10.65
C LYS A 80 9.85 -1.36 -10.91
N HIS A 81 8.53 -1.43 -10.86
CA HIS A 81 7.77 -2.70 -10.99
C HIS A 81 6.36 -2.41 -11.52
N GLU A 82 5.86 -3.27 -12.41
CA GLU A 82 4.54 -3.12 -13.08
CA GLU A 82 4.54 -3.10 -13.08
C GLU A 82 3.39 -2.95 -12.06
N ASN A 83 3.50 -3.55 -10.88
CA ASN A 83 2.34 -3.62 -9.97
C ASN A 83 2.53 -2.63 -8.80
N VAL A 84 3.47 -1.70 -8.89
CA VAL A 84 3.73 -0.68 -7.84
C VAL A 84 3.75 0.69 -8.51
N ILE A 85 3.10 1.68 -7.92
CA ILE A 85 3.21 3.06 -8.52
C ILE A 85 4.69 3.47 -8.66
N GLY A 86 5.00 4.17 -9.77
CA GLY A 86 6.36 4.63 -10.11
C GLY A 86 6.42 6.14 -10.31
N LEU A 87 7.62 6.67 -10.39
CA LEU A 87 7.85 8.12 -10.61
C LEU A 87 8.16 8.37 -12.08
N LEU A 88 7.24 9.03 -12.77
CA LEU A 88 7.46 9.44 -14.18
C LEU A 88 8.31 10.71 -14.24
N ASP A 89 8.21 11.61 -13.27
CA ASP A 89 8.92 12.89 -13.24
C ASP A 89 8.87 13.45 -11.82
N VAL A 90 9.80 14.31 -11.45
CA VAL A 90 9.75 15.14 -10.23
C VAL A 90 10.38 16.49 -10.61
N PHE A 91 9.76 17.60 -10.24
CA PHE A 91 10.24 18.98 -10.61
C PHE A 91 9.96 20.01 -9.52
N THR A 92 10.71 21.10 -9.60
CA THR A 92 10.54 22.33 -8.79
C THR A 92 10.79 23.55 -9.68
N PRO A 93 9.96 24.61 -9.57
CA PRO A 93 10.24 25.86 -10.28
C PRO A 93 11.51 26.56 -9.79
N ALA A 94 12.04 26.18 -8.62
CA ALA A 94 13.26 26.80 -8.06
C ALA A 94 14.44 26.61 -9.01
N ARG A 95 15.28 27.65 -9.20
CA ARG A 95 16.51 27.57 -10.03
C ARG A 95 17.74 27.27 -9.15
N SER A 96 17.60 27.26 -7.83
CA SER A 96 18.73 27.00 -6.92
C SER A 96 18.21 26.44 -5.61
N LEU A 97 19.12 25.95 -4.76
CA LEU A 97 18.84 25.43 -3.42
C LEU A 97 18.27 26.55 -2.55
N GLU A 98 18.82 27.76 -2.69
CA GLU A 98 18.36 28.96 -1.96
C GLU A 98 16.85 29.13 -2.14
N GLU A 99 16.31 29.03 -3.37
CA GLU A 99 14.87 29.36 -3.56
C GLU A 99 14.01 28.08 -3.56
N PHE A 100 14.60 26.95 -3.29
CA PHE A 100 13.87 25.64 -3.27
C PHE A 100 12.84 25.64 -2.14
N ASN A 101 11.55 25.64 -2.48
CA ASN A 101 10.48 25.54 -1.45
C ASN A 101 9.26 24.73 -1.90
N ASP A 102 9.24 24.19 -3.11
CA ASP A 102 8.08 23.41 -3.61
C ASP A 102 8.58 22.19 -4.37
N VAL A 103 7.85 21.08 -4.21
CA VAL A 103 8.12 19.79 -4.87
C VAL A 103 6.83 19.25 -5.47
N TYR A 104 6.91 18.80 -6.71
CA TYR A 104 5.82 18.16 -7.48
C TYR A 104 6.27 16.78 -7.96
N LEU A 105 5.41 15.80 -7.76
CA LEU A 105 5.63 14.39 -8.15
C LEU A 105 4.68 14.03 -9.29
N VAL A 106 5.14 13.30 -10.30
CA VAL A 106 4.28 12.86 -11.43
C VAL A 106 4.24 11.34 -11.52
N THR A 107 3.04 10.74 -11.48
CA THR A 107 2.79 9.29 -11.68
C THR A 107 1.83 9.02 -12.83
N HIS A 108 1.59 7.72 -13.09
CA HIS A 108 0.47 7.26 -13.92
C HIS A 108 -0.85 7.75 -13.28
N LEU A 109 -1.82 8.04 -14.12
CA LEU A 109 -3.20 8.32 -13.67
C LEU A 109 -4.00 7.00 -13.73
N MET A 110 -4.49 6.49 -12.61
CA MET A 110 -5.23 5.23 -12.60
C MET A 110 -6.72 5.49 -12.91
N GLY A 111 -7.48 4.42 -13.16
CA GLY A 111 -8.90 4.55 -13.55
C GLY A 111 -9.86 4.43 -12.39
N ALA A 112 -9.68 3.44 -11.51
CA ALA A 112 -10.64 3.12 -10.44
C ALA A 112 -9.88 2.42 -9.30
N ASP A 113 -10.32 2.59 -8.10
CA ASP A 113 -9.82 1.81 -6.93
C ASP A 113 -10.66 0.53 -6.75
N LEU A 114 -10.24 -0.37 -5.86
CA LEU A 114 -10.91 -1.70 -5.79
C LEU A 114 -12.32 -1.59 -5.21
N ASN A 115 -12.61 -0.66 -4.31
CA ASN A 115 -14.03 -0.42 -3.91
C ASN A 115 -14.92 -0.18 -5.17
N ASN A 116 -14.41 0.50 -6.21
CA ASN A 116 -15.19 0.95 -7.40
C ASN A 116 -15.24 -0.16 -8.49
N ILE A 117 -14.46 -1.23 -8.32
CA ILE A 117 -14.58 -2.50 -9.10
C ILE A 117 -15.61 -3.42 -8.42
N VAL A 118 -15.63 -3.50 -7.08
CA VAL A 118 -16.48 -4.50 -6.34
C VAL A 118 -17.90 -3.95 -6.24
N LYS A 119 -18.06 -2.73 -5.71
CA LYS A 119 -19.38 -2.04 -5.60
C LYS A 119 -20.41 -3.00 -4.97
N CYS A 120 -20.01 -3.67 -3.90
CA CYS A 120 -20.87 -4.53 -3.05
C CYS A 120 -21.44 -5.75 -3.84
N GLN A 121 -20.78 -6.20 -4.92
CA GLN A 121 -21.16 -7.39 -5.72
C GLN A 121 -19.98 -8.33 -5.79
N LYS A 122 -20.23 -9.60 -5.90
CA LYS A 122 -19.18 -10.63 -6.04
C LYS A 122 -18.47 -10.43 -7.37
N LEU A 123 -17.18 -10.65 -7.41
CA LEU A 123 -16.43 -10.87 -8.67
C LEU A 123 -16.40 -12.34 -9.00
N THR A 124 -16.10 -12.68 -10.26
CA THR A 124 -15.90 -14.07 -10.68
C THR A 124 -14.61 -14.60 -10.05
N ASP A 125 -14.52 -15.92 -9.86
CA ASP A 125 -13.28 -16.54 -9.35
C ASP A 125 -12.08 -16.22 -10.26
N ASP A 126 -12.22 -16.23 -11.58
CA ASP A 126 -11.07 -15.91 -12.49
C ASP A 126 -10.60 -14.46 -12.31
N HIS A 127 -11.51 -13.51 -12.10
CA HIS A 127 -11.18 -12.08 -11.86
C HIS A 127 -10.47 -11.93 -10.52
N VAL A 128 -10.91 -12.65 -9.50
CA VAL A 128 -10.25 -12.62 -8.16
C VAL A 128 -8.84 -13.18 -8.27
N GLN A 129 -8.64 -14.30 -8.98
CA GLN A 129 -7.30 -14.84 -9.21
C GLN A 129 -6.39 -13.73 -9.78
N PHE A 130 -6.85 -13.05 -10.83
CA PHE A 130 -6.02 -12.09 -11.57
C PHE A 130 -5.69 -10.87 -10.66
N LEU A 131 -6.67 -10.33 -9.93
CA LEU A 131 -6.41 -9.18 -9.04
C LEU A 131 -5.44 -9.57 -7.91
N ILE A 132 -5.69 -10.64 -7.18
CA ILE A 132 -4.85 -11.02 -6.01
C ILE A 132 -3.45 -11.43 -6.51
N TYR A 133 -3.33 -12.08 -7.66
CA TYR A 133 -2.03 -12.45 -8.24
C TYR A 133 -1.19 -11.18 -8.35
N GLN A 134 -1.78 -10.10 -8.93
CA GLN A 134 -1.01 -8.86 -9.18
C GLN A 134 -0.61 -8.17 -7.86
N ILE A 135 -1.48 -8.15 -6.86
CA ILE A 135 -1.14 -7.60 -5.52
C ILE A 135 0.03 -8.37 -4.93
N LEU A 136 -0.01 -9.69 -5.00
CA LEU A 136 1.07 -10.51 -4.44
C LEU A 136 2.40 -10.33 -5.22
N ARG A 137 2.33 -10.15 -6.53
CA ARG A 137 3.50 -9.94 -7.35
C ARG A 137 4.17 -8.61 -6.91
N GLY A 138 3.38 -7.55 -6.75
CA GLY A 138 3.85 -6.27 -6.23
C GLY A 138 4.45 -6.41 -4.83
N LEU A 139 3.81 -7.18 -3.94
CA LEU A 139 4.26 -7.34 -2.55
C LEU A 139 5.58 -8.14 -2.49
N LYS A 140 5.74 -9.20 -3.33
CA LYS A 140 7.06 -9.90 -3.41
C LYS A 140 8.17 -8.89 -3.67
N TYR A 141 7.94 -7.97 -4.59
CA TYR A 141 8.91 -6.92 -4.96
C TYR A 141 9.19 -5.97 -3.77
N ILE A 142 8.19 -5.38 -3.19
CA ILE A 142 8.35 -4.43 -2.06
C ILE A 142 9.03 -5.14 -0.89
N HIS A 143 8.60 -6.33 -0.53
CA HIS A 143 9.14 -7.03 0.66
C HIS A 143 10.63 -7.38 0.41
N SER A 144 11.00 -7.67 -0.83
CA SER A 144 12.41 -8.06 -1.15
C SER A 144 13.37 -6.89 -0.92
N ALA A 145 12.88 -5.67 -0.88
CA ALA A 145 13.67 -4.44 -0.52
C ALA A 145 13.58 -4.14 0.99
N ASP A 146 12.98 -5.04 1.81
CA ASP A 146 12.72 -4.80 3.25
CA ASP A 146 12.69 -4.79 3.24
C ASP A 146 11.81 -3.56 3.41
N ILE A 147 10.85 -3.36 2.53
CA ILE A 147 9.83 -2.32 2.66
C ILE A 147 8.51 -3.03 3.04
N ILE A 148 7.83 -2.59 4.07
CA ILE A 148 6.48 -3.10 4.42
C ILE A 148 5.46 -1.98 4.20
N HIS A 149 4.32 -2.28 3.56
CA HIS A 149 3.31 -1.23 3.27
C HIS A 149 2.66 -0.78 4.56
N ARG A 150 2.10 -1.70 5.31
CA ARG A 150 1.45 -1.53 6.66
C ARG A 150 0.04 -0.94 6.60
N ASP A 151 -0.46 -0.49 5.47
CA ASP A 151 -1.86 0.04 5.41
C ASP A 151 -2.52 -0.37 4.11
N LEU A 152 -2.37 -1.63 3.69
CA LEU A 152 -3.06 -2.12 2.47
CA LEU A 152 -3.04 -2.12 2.49
C LEU A 152 -4.57 -2.18 2.71
N LYS A 153 -5.33 -1.72 1.77
CA LYS A 153 -6.79 -1.71 1.79
C LYS A 153 -7.29 -1.37 0.39
N PRO A 154 -8.60 -1.66 0.08
CA PRO A 154 -9.13 -1.42 -1.27
C PRO A 154 -8.88 -0.02 -1.83
N SER A 155 -8.91 1.01 -0.98
CA SER A 155 -8.70 2.41 -1.45
C SER A 155 -7.23 2.69 -1.91
N ASN A 156 -6.24 1.86 -1.51
CA ASN A 156 -4.80 2.00 -1.85
C ASN A 156 -4.43 1.08 -3.05
N LEU A 157 -5.40 0.44 -3.74
CA LEU A 157 -5.15 -0.50 -4.86
C LEU A 157 -5.99 -0.02 -6.05
N ALA A 158 -5.39 0.12 -7.23
CA ALA A 158 -6.10 0.75 -8.35
C ALA A 158 -5.75 0.08 -9.65
N VAL A 159 -6.68 0.17 -10.61
CA VAL A 159 -6.56 -0.51 -11.91
C VAL A 159 -6.82 0.48 -13.05
N ASN A 160 -6.38 0.09 -14.23
CA ASN A 160 -6.80 0.68 -15.53
C ASN A 160 -7.97 -0.16 -16.13
N GLU A 161 -8.45 0.20 -17.34
CA GLU A 161 -9.58 -0.55 -17.97
C GLU A 161 -9.20 -2.01 -18.27
N ASP A 162 -7.92 -2.29 -18.61
CA ASP A 162 -7.42 -3.67 -18.87
C ASP A 162 -7.22 -4.43 -17.55
N CYS A 163 -7.67 -3.88 -16.42
CA CYS A 163 -7.61 -4.50 -15.09
C CYS A 163 -6.15 -4.73 -14.64
N GLU A 164 -5.20 -3.99 -15.21
CA GLU A 164 -3.79 -3.98 -14.75
C GLU A 164 -3.72 -3.15 -13.43
N LEU A 165 -3.19 -3.75 -12.33
CA LEU A 165 -3.28 -3.19 -10.97
C LEU A 165 -1.93 -2.59 -10.50
N LYS A 166 -1.97 -1.48 -9.78
CA LYS A 166 -0.81 -0.94 -9.02
C LYS A 166 -1.16 -0.66 -7.57
N ILE A 167 -0.18 -0.91 -6.69
CA ILE A 167 -0.18 -0.56 -5.24
C ILE A 167 0.26 0.91 -5.09
N LEU A 168 -0.50 1.70 -4.32
CA LEU A 168 -0.14 3.09 -3.95
C LEU A 168 -0.26 3.27 -2.42
N ASP A 169 0.03 4.47 -1.88
CA ASP A 169 -0.31 4.81 -0.46
C ASP A 169 -0.74 6.27 -0.40
N PHE A 170 -2.00 6.51 -0.10
CA PHE A 170 -2.59 7.87 0.00
C PHE A 170 -2.47 8.38 1.42
N GLY A 171 -1.86 7.64 2.29
CA GLY A 171 -1.57 8.15 3.66
C GLY A 171 -0.12 8.55 3.79
N LEU A 172 0.34 8.72 5.01
CA LEU A 172 1.77 8.99 5.28
C LEU A 172 2.49 7.65 5.34
N ALA A 173 3.53 7.45 4.52
CA ALA A 173 4.37 6.23 4.55
C ALA A 173 4.98 6.08 5.97
N ARG A 174 4.98 4.86 6.48
CA ARG A 174 5.45 4.62 7.88
C ARG A 174 6.90 4.14 7.84
N ALA A 185 -7.24 5.41 9.70
CA ALA A 185 -8.45 5.74 8.91
C ALA A 185 -9.54 4.66 9.08
N THR A 186 -9.32 3.46 8.54
CA THR A 186 -10.14 2.24 8.75
C THR A 186 -9.24 1.19 9.38
N ARG A 187 -9.76 0.40 10.33
CA ARG A 187 -9.01 -0.72 10.90
C ARG A 187 -9.53 -2.06 10.34
N TRP A 188 -10.36 -2.07 9.29
CA TRP A 188 -11.01 -3.35 8.85
C TRP A 188 -9.97 -4.32 8.25
N TYR A 189 -8.80 -3.85 7.81
CA TYR A 189 -7.81 -4.67 7.09
C TYR A 189 -6.51 -4.86 7.92
N ARG A 190 -6.49 -4.48 9.20
CA ARG A 190 -5.28 -4.43 10.02
C ARG A 190 -5.06 -5.76 10.73
N ALA A 191 -3.81 -6.25 10.75
CA ALA A 191 -3.46 -7.54 11.39
C ALA A 191 -3.70 -7.47 12.90
N PRO A 192 -4.11 -8.59 13.51
CA PRO A 192 -4.46 -8.63 14.93
C PRO A 192 -3.27 -8.28 15.83
N GLU A 193 -2.05 -8.69 15.49
CA GLU A 193 -0.86 -8.38 16.33
C GLU A 193 -0.68 -6.87 16.46
N ILE A 194 -1.01 -6.10 15.48
CA ILE A 194 -0.88 -4.64 15.55
C ILE A 194 -1.93 -4.11 16.52
N MET A 195 -3.13 -4.56 16.43
CA MET A 195 -4.17 -4.01 17.32
CA MET A 195 -4.19 -4.03 17.32
C MET A 195 -4.06 -4.56 18.75
N LEU A 196 -3.28 -5.63 18.98
CA LEU A 196 -2.98 -6.16 20.36
C LEU A 196 -1.65 -5.61 20.89
N ASN A 197 -0.98 -4.71 20.14
CA ASN A 197 0.27 -4.09 20.60
C ASN A 197 1.30 -5.17 20.91
N TRP A 198 1.46 -6.20 20.08
CA TRP A 198 2.40 -7.30 20.36
C TRP A 198 3.83 -6.93 19.99
N MET A 199 4.02 -5.98 19.09
CA MET A 199 5.28 -5.19 18.91
C MET A 199 6.29 -5.81 17.92
N HIS A 200 6.28 -7.08 17.63
CA HIS A 200 7.42 -7.63 16.83
C HIS A 200 6.98 -7.95 15.40
N TYR A 201 6.57 -6.94 14.62
CA TYR A 201 5.76 -7.14 13.38
C TYR A 201 6.69 -7.73 12.31
N ASN A 202 6.16 -8.56 11.42
CA ASN A 202 6.95 -8.96 10.23
C ASN A 202 6.19 -8.56 8.96
N GLN A 203 6.76 -8.87 7.78
CA GLN A 203 6.18 -8.41 6.50
C GLN A 203 4.78 -9.04 6.28
N THR A 204 4.46 -10.16 6.98
CA THR A 204 3.14 -10.80 6.76
C THR A 204 2.01 -10.02 7.45
N VAL A 205 2.26 -8.85 8.05
CA VAL A 205 1.08 -7.95 8.34
C VAL A 205 0.39 -7.59 6.99
N ASP A 206 1.16 -7.49 5.88
CA ASP A 206 0.57 -7.10 4.58
C ASP A 206 -0.25 -8.30 4.02
N ILE A 207 0.22 -9.52 4.28
CA ILE A 207 -0.45 -10.76 3.86
C ILE A 207 -1.82 -10.89 4.56
N TRP A 208 -1.91 -10.55 5.86
CA TRP A 208 -3.25 -10.46 6.53
C TRP A 208 -4.17 -9.57 5.73
N SER A 209 -3.75 -8.34 5.42
CA SER A 209 -4.59 -7.39 4.65
C SER A 209 -5.03 -7.99 3.34
N VAL A 210 -4.14 -8.66 2.63
CA VAL A 210 -4.51 -9.35 1.33
C VAL A 210 -5.57 -10.41 1.56
N GLY A 211 -5.48 -11.22 2.60
CA GLY A 211 -6.52 -12.19 2.90
C GLY A 211 -7.89 -11.54 3.08
N CYS A 212 -7.95 -10.45 3.84
CA CYS A 212 -9.22 -9.71 4.08
C CYS A 212 -9.78 -9.19 2.73
N ILE A 213 -8.91 -8.64 1.90
CA ILE A 213 -9.31 -8.09 0.57
C ILE A 213 -9.81 -9.22 -0.35
N MET A 214 -9.11 -10.35 -0.41
CA MET A 214 -9.52 -11.49 -1.25
C MET A 214 -10.91 -12.00 -0.81
N ALA A 215 -11.17 -12.14 0.51
CA ALA A 215 -12.47 -12.58 1.03
C ALA A 215 -13.56 -11.63 0.51
N GLU A 216 -13.32 -10.33 0.61
CA GLU A 216 -14.28 -9.28 0.19
C GLU A 216 -14.54 -9.35 -1.34
N LEU A 217 -13.52 -9.56 -2.16
CA LEU A 217 -13.73 -9.68 -3.63
C LEU A 217 -14.64 -10.87 -3.89
N LEU A 218 -14.45 -11.98 -3.18
CA LEU A 218 -15.23 -13.22 -3.47
C LEU A 218 -16.69 -13.08 -3.02
N THR A 219 -16.93 -12.44 -1.86
CA THR A 219 -18.28 -12.46 -1.18
C THR A 219 -19.03 -11.19 -1.46
N GLY A 220 -18.35 -10.11 -1.86
CA GLY A 220 -18.95 -8.76 -2.02
C GLY A 220 -19.11 -8.02 -0.68
N ARG A 221 -18.71 -8.63 0.44
CA ARG A 221 -18.89 -7.97 1.77
C ARG A 221 -17.60 -7.95 2.59
N THR A 222 -17.51 -6.97 3.45
CA THR A 222 -16.36 -6.79 4.37
C THR A 222 -16.24 -8.04 5.26
N LEU A 223 -15.04 -8.62 5.40
CA LEU A 223 -14.88 -9.85 6.22
C LEU A 223 -15.05 -9.51 7.72
N PHE A 224 -14.37 -8.44 8.20
CA PHE A 224 -14.31 -8.07 9.64
C PHE A 224 -14.75 -6.62 9.81
N PRO A 225 -16.06 -6.28 9.59
CA PRO A 225 -16.51 -4.86 9.72
C PRO A 225 -16.72 -4.39 11.19
N GLY A 226 -15.65 -4.24 11.94
CA GLY A 226 -15.77 -3.89 13.38
C GLY A 226 -16.36 -2.49 13.57
N THR A 227 -17.09 -2.28 14.66
CA THR A 227 -17.68 -0.97 14.97
C THR A 227 -16.64 -0.06 15.64
N ASP A 228 -15.64 -0.64 16.27
CA ASP A 228 -14.68 0.07 17.15
C ASP A 228 -13.47 -0.89 17.34
N HIS A 229 -12.48 -0.50 18.10
CA HIS A 229 -11.24 -1.27 18.28
C HIS A 229 -11.55 -2.63 18.93
N ILE A 230 -12.28 -2.67 20.05
CA ILE A 230 -12.64 -3.92 20.77
CA ILE A 230 -12.52 -3.98 20.74
C ILE A 230 -13.36 -4.88 19.83
N ASP A 231 -14.37 -4.34 19.17
CA ASP A 231 -15.28 -5.14 18.27
C ASP A 231 -14.45 -5.72 17.12
N GLN A 232 -13.52 -4.98 16.58
CA GLN A 232 -12.64 -5.46 15.47
C GLN A 232 -11.91 -6.76 15.93
N LEU A 233 -11.28 -6.73 17.10
CA LEU A 233 -10.56 -7.91 17.62
C LEU A 233 -11.55 -9.05 17.93
N LYS A 234 -12.72 -8.77 18.48
CA LYS A 234 -13.67 -9.87 18.76
C LYS A 234 -14.10 -10.54 17.44
N LEU A 235 -14.33 -9.79 16.37
CA LEU A 235 -14.74 -10.41 15.07
C LEU A 235 -13.59 -11.26 14.53
N ILE A 236 -12.36 -10.77 14.60
CA ILE A 236 -11.19 -11.56 14.12
C ILE A 236 -11.12 -12.89 14.90
N LEU A 237 -11.15 -12.85 16.24
CA LEU A 237 -10.89 -14.05 17.06
C LEU A 237 -12.04 -15.07 16.90
N ARG A 238 -13.25 -14.64 16.57
CA ARG A 238 -14.37 -15.59 16.30
C ARG A 238 -14.08 -16.43 15.07
N LEU A 239 -13.34 -15.92 14.08
CA LEU A 239 -13.02 -16.72 12.86
C LEU A 239 -11.75 -17.53 13.14
N VAL A 240 -10.68 -16.92 13.64
CA VAL A 240 -9.32 -17.54 13.62
C VAL A 240 -9.05 -18.21 14.97
N GLY A 241 -9.89 -17.99 15.95
CA GLY A 241 -9.78 -18.65 17.27
C GLY A 241 -8.86 -17.96 18.27
N THR A 242 -9.07 -18.32 19.55
CA THR A 242 -8.17 -18.02 20.72
C THR A 242 -6.75 -18.57 20.44
N PRO A 243 -5.65 -17.88 20.84
CA PRO A 243 -4.29 -18.41 20.60
C PRO A 243 -4.06 -19.84 21.12
N GLY A 244 -3.43 -20.65 20.28
CA GLY A 244 -2.98 -22.01 20.58
C GLY A 244 -1.80 -22.02 21.53
N ALA A 245 -1.46 -23.18 22.07
CA ALA A 245 -0.35 -23.28 23.05
C ALA A 245 0.96 -22.75 22.48
N GLU A 246 1.26 -23.05 21.20
CA GLU A 246 2.56 -22.67 20.57
C GLU A 246 2.67 -21.14 20.52
N LEU A 247 1.57 -20.44 20.17
CA LEU A 247 1.58 -18.95 20.14
C LEU A 247 1.69 -18.36 21.59
N LEU A 248 0.95 -18.87 22.56
CA LEU A 248 0.97 -18.31 23.95
C LEU A 248 2.40 -18.34 24.51
N LYS A 249 3.18 -19.35 24.16
CA LYS A 249 4.58 -19.50 24.64
C LYS A 249 5.47 -18.38 24.10
N LYS A 250 5.03 -17.64 23.07
CA LYS A 250 5.81 -16.52 22.51
C LYS A 250 5.38 -15.15 23.05
N ILE A 251 4.45 -15.09 23.99
CA ILE A 251 4.02 -13.81 24.62
C ILE A 251 4.68 -13.65 26.02
N SER A 252 5.46 -12.60 26.24
CA SER A 252 6.13 -12.26 27.55
C SER A 252 5.13 -12.05 28.73
N SER A 253 4.29 -10.99 28.68
CA SER A 253 3.42 -10.50 29.82
C SER A 253 2.29 -11.45 30.13
N GLU A 254 2.09 -11.74 31.41
CA GLU A 254 0.86 -12.43 31.92
C GLU A 254 -0.36 -11.59 31.56
N SER A 255 -0.27 -10.27 31.79
CA SER A 255 -1.40 -9.35 31.47
C SER A 255 -1.76 -9.44 29.99
N ALA A 256 -0.78 -9.49 29.08
CA ALA A 256 -1.09 -9.61 27.63
C ALA A 256 -1.72 -11.01 27.36
N ARG A 257 -1.21 -12.09 27.94
CA ARG A 257 -1.82 -13.44 27.69
C ARG A 257 -3.31 -13.48 28.19
N ASN A 258 -3.59 -12.97 29.37
CA ASN A 258 -4.98 -12.86 29.91
C ASN A 258 -5.88 -12.08 28.95
N TYR A 259 -5.35 -10.97 28.40
CA TYR A 259 -6.19 -10.01 27.66
C TYR A 259 -6.65 -10.70 26.36
N ILE A 260 -5.74 -11.40 25.65
CA ILE A 260 -6.12 -11.99 24.34
C ILE A 260 -7.14 -13.09 24.62
N GLN A 261 -6.97 -13.81 25.73
CA GLN A 261 -7.85 -14.98 26.02
C GLN A 261 -9.23 -14.48 26.44
N SER A 262 -9.30 -13.26 26.99
CA SER A 262 -10.57 -12.69 27.46
CA SER A 262 -10.54 -12.61 27.46
C SER A 262 -11.42 -12.22 26.28
N LEU A 263 -10.81 -11.93 25.12
CA LEU A 263 -11.58 -11.51 23.88
C LEU A 263 -11.99 -12.73 23.04
N ALA A 264 -11.48 -13.91 23.37
CA ALA A 264 -11.72 -15.18 22.65
C ALA A 264 -12.47 -16.11 23.62
N GLN A 265 -11.81 -17.12 24.16
CA GLN A 265 -12.44 -18.38 24.68
C GLN A 265 -13.29 -18.98 23.55
N MET A 266 -12.67 -19.31 22.42
CA MET A 266 -13.39 -19.97 21.29
C MET A 266 -12.45 -20.54 20.23
N PRO A 267 -12.86 -21.63 19.56
CA PRO A 267 -11.99 -22.32 18.62
C PRO A 267 -12.04 -21.66 17.25
N LYS A 268 -10.99 -21.91 16.47
CA LYS A 268 -10.91 -21.57 15.04
C LYS A 268 -12.08 -22.21 14.32
N MET A 269 -12.72 -21.47 13.40
CA MET A 269 -13.77 -22.07 12.52
C MET A 269 -13.05 -22.71 11.32
N ASN A 270 -13.67 -23.72 10.70
CA ASN A 270 -13.22 -24.23 9.38
C ASN A 270 -13.71 -23.29 8.30
N PHE A 271 -12.80 -22.69 7.53
CA PHE A 271 -13.16 -21.69 6.49
C PHE A 271 -14.07 -22.30 5.43
N ALA A 272 -13.99 -23.60 5.19
CA ALA A 272 -14.89 -24.26 4.19
C ALA A 272 -16.37 -24.07 4.60
N ASN A 273 -16.65 -23.81 5.90
CA ASN A 273 -18.01 -23.61 6.48
CA ASN A 273 -18.05 -23.61 6.40
C ASN A 273 -18.42 -22.14 6.37
N VAL A 274 -17.48 -21.25 6.03
CA VAL A 274 -17.71 -19.77 5.99
C VAL A 274 -17.85 -19.27 4.54
N PHE A 275 -17.01 -19.74 3.64
CA PHE A 275 -17.01 -19.30 2.23
C PHE A 275 -17.75 -20.35 1.37
N ILE A 276 -19.04 -20.51 1.61
CA ILE A 276 -19.86 -21.54 0.87
C ILE A 276 -19.89 -21.23 -0.63
N GLY A 277 -19.63 -22.23 -1.48
CA GLY A 277 -19.67 -22.06 -2.95
C GLY A 277 -18.31 -21.67 -3.54
N ALA A 278 -17.35 -21.29 -2.73
CA ALA A 278 -16.05 -20.82 -3.24
C ALA A 278 -15.21 -21.99 -3.78
N ASN A 279 -14.30 -21.64 -4.66
CA ASN A 279 -13.28 -22.57 -5.20
C ASN A 279 -12.52 -23.13 -4.00
N PRO A 280 -12.49 -24.44 -3.78
CA PRO A 280 -11.71 -25.00 -2.67
C PRO A 280 -10.22 -24.56 -2.60
N LEU A 281 -9.58 -24.21 -3.74
CA LEU A 281 -8.19 -23.69 -3.68
C LEU A 281 -8.21 -22.27 -3.09
N ALA A 282 -9.25 -21.48 -3.34
CA ALA A 282 -9.40 -20.14 -2.74
C ALA A 282 -9.46 -20.29 -1.21
N VAL A 283 -10.28 -21.23 -0.74
CA VAL A 283 -10.49 -21.42 0.72
C VAL A 283 -9.16 -21.86 1.37
N ASP A 284 -8.40 -22.79 0.76
CA ASP A 284 -7.10 -23.26 1.28
C ASP A 284 -6.16 -22.06 1.41
N LEU A 285 -6.09 -21.19 0.37
CA LEU A 285 -5.16 -20.03 0.40
C LEU A 285 -5.60 -19.04 1.50
N LEU A 286 -6.89 -18.83 1.68
CA LEU A 286 -7.39 -17.88 2.73
C LEU A 286 -6.97 -18.44 4.11
N GLU A 287 -7.07 -19.75 4.32
CA GLU A 287 -6.61 -20.41 5.59
C GLU A 287 -5.13 -20.12 5.87
N LYS A 288 -4.31 -20.06 4.83
CA LYS A 288 -2.85 -19.90 5.00
CA LYS A 288 -2.84 -19.89 4.95
C LYS A 288 -2.50 -18.42 5.15
N MET A 289 -3.37 -17.52 4.71
CA MET A 289 -3.15 -16.05 4.87
C MET A 289 -3.66 -15.56 6.24
N LEU A 290 -4.75 -16.09 6.76
CA LEU A 290 -5.49 -15.54 7.93
C LEU A 290 -5.17 -16.34 9.22
N VAL A 291 -3.91 -16.62 9.40
CA VAL A 291 -3.35 -17.36 10.58
CA VAL A 291 -3.42 -17.36 10.60
C VAL A 291 -3.06 -16.33 11.66
N LEU A 292 -3.48 -16.59 12.89
CA LEU A 292 -3.21 -15.68 13.95
C LEU A 292 -1.69 -15.53 14.16
N ASP A 293 -0.95 -16.63 14.28
CA ASP A 293 0.51 -16.57 14.55
C ASP A 293 1.23 -16.11 13.26
N SER A 294 1.72 -14.90 13.23
CA SER A 294 2.33 -14.30 12.03
C SER A 294 3.59 -15.09 11.61
N ASP A 295 4.22 -15.87 12.50
CA ASP A 295 5.38 -16.74 12.12
C ASP A 295 4.94 -17.90 11.23
N LYS A 296 3.65 -18.21 11.16
CA LYS A 296 3.10 -19.39 10.43
C LYS A 296 2.34 -18.92 9.16
N ARG A 297 2.21 -17.61 8.99
CA ARG A 297 1.45 -17.01 7.85
C ARG A 297 2.29 -17.18 6.58
N ILE A 298 1.62 -17.46 5.48
CA ILE A 298 2.24 -17.63 4.15
C ILE A 298 2.90 -16.30 3.71
N THR A 299 4.02 -16.42 3.00
CA THR A 299 4.71 -15.21 2.44
C THR A 299 4.16 -14.88 1.04
N ALA A 300 4.52 -13.69 0.53
CA ALA A 300 4.10 -13.31 -0.86
C ALA A 300 4.70 -14.32 -1.86
N ALA A 301 5.97 -14.64 -1.76
CA ALA A 301 6.64 -15.58 -2.69
C ALA A 301 6.01 -16.98 -2.61
N GLN A 302 5.68 -17.44 -1.41
CA GLN A 302 5.03 -18.76 -1.26
C GLN A 302 3.63 -18.74 -1.86
N ALA A 303 2.90 -17.65 -1.66
CA ALA A 303 1.50 -17.52 -2.14
C ALA A 303 1.49 -17.52 -3.70
N LEU A 304 2.52 -16.99 -4.34
CA LEU A 304 2.53 -16.90 -5.83
C LEU A 304 2.62 -18.32 -6.42
N ALA A 305 3.25 -19.25 -5.70
CA ALA A 305 3.41 -20.67 -6.10
C ALA A 305 2.19 -21.54 -5.75
N HIS A 306 1.20 -21.04 -5.01
CA HIS A 306 -0.01 -21.80 -4.63
C HIS A 306 -0.82 -22.16 -5.89
N ALA A 307 -1.42 -23.35 -5.93
CA ALA A 307 -2.18 -23.87 -7.08
C ALA A 307 -3.33 -22.95 -7.51
N TYR A 308 -3.85 -22.09 -6.60
CA TYR A 308 -4.95 -21.15 -6.93
C TYR A 308 -4.56 -20.26 -8.13
N PHE A 309 -3.26 -19.95 -8.32
CA PHE A 309 -2.78 -19.01 -9.38
C PHE A 309 -2.15 -19.73 -10.56
N ALA A 310 -2.46 -21.00 -10.77
CA ALA A 310 -1.83 -21.80 -11.86
C ALA A 310 -1.95 -21.10 -13.20
N GLN A 311 -3.07 -20.43 -13.54
CA GLN A 311 -3.24 -19.87 -14.90
C GLN A 311 -2.43 -18.59 -15.12
N TYR A 312 -1.90 -17.95 -14.06
CA TYR A 312 -1.18 -16.67 -14.15
C TYR A 312 0.32 -16.83 -13.75
N HIS A 313 0.66 -17.74 -12.85
CA HIS A 313 2.02 -17.82 -12.24
C HIS A 313 3.08 -18.07 -13.31
N ASP A 314 4.11 -17.26 -13.31
CA ASP A 314 5.34 -17.42 -14.15
C ASP A 314 6.53 -17.18 -13.23
N PRO A 315 7.20 -18.23 -12.75
CA PRO A 315 8.34 -18.05 -11.84
C PRO A 315 9.49 -17.23 -12.45
N ASP A 316 9.52 -17.06 -13.76
CA ASP A 316 10.57 -16.28 -14.45
C ASP A 316 10.15 -14.82 -14.68
N ASP A 317 8.97 -14.41 -14.23
CA ASP A 317 8.51 -13.00 -14.40
C ASP A 317 7.83 -12.53 -13.13
N GLU A 318 8.44 -12.79 -11.98
CA GLU A 318 8.02 -12.33 -10.64
C GLU A 318 9.24 -11.71 -9.96
N PRO A 319 9.70 -10.55 -10.45
CA PRO A 319 11.03 -10.06 -10.11
C PRO A 319 11.14 -9.50 -8.68
N VAL A 320 12.35 -9.45 -8.18
CA VAL A 320 12.75 -8.76 -6.91
C VAL A 320 13.42 -7.40 -7.14
N ALA A 321 13.47 -6.63 -6.07
CA ALA A 321 13.96 -5.26 -6.07
C ALA A 321 15.49 -5.20 -5.90
N ASP A 322 16.10 -4.11 -6.39
CA ASP A 322 17.45 -3.69 -5.92
C ASP A 322 17.39 -3.37 -4.41
N PRO A 323 18.51 -3.47 -3.66
CA PRO A 323 18.48 -3.17 -2.24
C PRO A 323 18.20 -1.66 -2.02
N TYR A 324 17.46 -1.37 -0.98
CA TYR A 324 17.01 -0.01 -0.62
C TYR A 324 17.72 0.40 0.67
N ASP A 325 18.53 1.46 0.60
CA ASP A 325 19.27 1.97 1.78
C ASP A 325 18.33 2.81 2.65
N GLN A 326 17.85 2.27 3.76
CA GLN A 326 16.91 2.89 4.69
C GLN A 326 17.63 3.53 5.90
N SER A 327 18.95 3.61 5.90
CA SER A 327 19.72 4.03 7.10
C SER A 327 19.38 5.50 7.46
N PHE A 328 18.91 6.31 6.50
CA PHE A 328 18.50 7.70 6.85
C PHE A 328 17.46 7.70 7.96
N GLU A 329 16.65 6.63 8.08
CA GLU A 329 15.53 6.62 9.04
C GLU A 329 16.05 6.70 10.48
N SER A 330 17.31 6.29 10.72
CA SER A 330 17.95 6.32 12.06
C SER A 330 18.65 7.65 12.32
N ARG A 331 18.67 8.58 11.38
CA ARG A 331 19.50 9.81 11.55
C ARG A 331 18.70 11.00 12.09
N ASP A 332 19.42 11.90 12.78
CA ASP A 332 18.93 13.21 13.33
C ASP A 332 19.71 14.34 12.67
N LEU A 333 19.09 14.96 11.67
CA LEU A 333 19.78 15.98 10.85
C LEU A 333 19.04 17.31 11.00
N LEU A 334 19.71 18.37 10.56
CA LEU A 334 19.12 19.73 10.61
C LEU A 334 18.17 19.90 9.43
N ILE A 335 17.25 20.83 9.55
CA ILE A 335 16.26 21.09 8.50
C ILE A 335 16.94 21.39 7.12
N ASP A 336 18.06 22.13 7.09
CA ASP A 336 18.70 22.51 5.78
C ASP A 336 19.36 21.26 5.18
N GLU A 337 19.76 20.30 6.02
CA GLU A 337 20.40 19.03 5.54
C GLU A 337 19.33 18.13 4.85
N TRP A 338 18.18 17.97 5.46
CA TRP A 338 17.09 17.21 4.80
C TRP A 338 16.71 17.92 3.48
N LYS A 339 16.63 19.24 3.49
CA LYS A 339 16.26 20.01 2.26
C LYS A 339 17.31 19.84 1.16
N SER A 340 18.60 19.90 1.48
CA SER A 340 19.72 19.68 0.52
C SER A 340 19.71 18.24 -0.03
N LEU A 341 19.50 17.22 0.83
CA LEU A 341 19.43 15.80 0.37
C LEU A 341 18.27 15.66 -0.61
N THR A 342 17.14 16.31 -0.33
CA THR A 342 15.98 16.25 -1.22
C THR A 342 16.30 16.93 -2.58
N TYR A 343 16.92 18.10 -2.56
CA TYR A 343 17.29 18.86 -3.78
C TYR A 343 18.20 18.00 -4.66
N ASP A 344 19.20 17.34 -4.06
CA ASP A 344 20.15 16.48 -4.80
C ASP A 344 19.40 15.33 -5.47
N GLU A 345 18.39 14.73 -4.81
CA GLU A 345 17.58 13.62 -5.39
C GLU A 345 16.69 14.14 -6.56
N VAL A 346 16.20 15.37 -6.50
CA VAL A 346 15.46 15.96 -7.67
C VAL A 346 16.46 16.08 -8.83
N ILE A 347 17.65 16.63 -8.58
CA ILE A 347 18.62 16.98 -9.68
C ILE A 347 19.09 15.70 -10.37
N SER A 348 19.22 14.58 -9.63
CA SER A 348 19.82 13.30 -10.08
C SER A 348 18.77 12.39 -10.76
N PHE A 349 17.48 12.75 -10.71
CA PHE A 349 16.42 11.93 -11.31
C PHE A 349 16.69 11.68 -12.79
N VAL A 350 16.53 10.43 -13.21
CA VAL A 350 16.58 9.97 -14.63
C VAL A 350 15.23 9.38 -14.96
N PRO A 351 14.51 9.94 -15.94
CA PRO A 351 13.22 9.40 -16.33
C PRO A 351 13.29 7.99 -16.86
N PRO A 352 12.19 7.24 -16.74
CA PRO A 352 12.12 5.91 -17.32
C PRO A 352 12.03 6.00 -18.84
N PRO A 353 12.35 4.91 -19.58
CA PRO A 353 12.29 4.93 -21.05
C PRO A 353 10.90 5.22 -21.63
N LEU A 354 10.83 5.84 -22.80
CA LEU A 354 9.56 6.08 -23.56
C LEU A 354 9.08 4.75 -24.11
N1 LB5 B . -4.07 7.74 -9.83
C2 LB5 B . -8.44 7.15 -9.64
O2 LB5 B . -2.44 10.38 -6.42
N3 LB5 B . 2.03 10.68 -5.68
C4 LB5 B . -7.65 5.61 -7.98
N4 LB5 B . 3.06 7.95 -2.44
C5 LB5 B . -6.43 6.26 -7.95
C6 LB5 B . -6.22 7.37 -8.79
C10 LB5 B . -2.08 9.76 -7.42
C8 LB5 B . -3.06 9.00 -8.23
C7 LB5 B . -4.38 8.78 -7.86
C9 LB5 B . -2.94 8.32 -9.46
N LB5 B . -4.93 7.99 -8.81
C3 LB5 B . -8.65 6.06 -8.83
C1 LB5 B . -7.21 7.85 -9.64
C LB5 B . -7.04 9.07 -10.47
N2 LB5 B . -0.83 9.80 -7.88
C11 LB5 B . 0.17 10.67 -7.28
C12 LB5 B . 1.01 10.06 -6.21
S LB5 B . 0.64 8.47 -5.56
C14 LB5 B . 1.96 8.69 -4.45
C13 LB5 B . 2.56 9.89 -4.65
C15 LB5 B . 2.25 7.62 -3.46
O1 LB5 B . 1.69 6.53 -3.53
C16 LB5 B . 3.54 6.96 -1.46
C25 LB5 B . 3.67 7.62 -0.08
O LB5 B . 4.77 8.04 0.30
N5 LB5 B . 2.53 7.83 0.60
C17 LB5 B . 4.86 6.36 -1.99
C18 LB5 B . 5.43 5.17 -1.24
C19 LB5 B . 4.62 3.85 -1.25
C24 LB5 B . 5.40 2.74 -0.54
C23 LB5 B . 4.65 1.43 -0.51
C22 LB5 B . 4.27 0.97 -1.88
C21 LB5 B . 3.44 2.03 -2.59
C20 LB5 B . 4.21 3.37 -2.65
#